data_4YLM
#
_entry.id   4YLM
#
_cell.length_a   124.950
_cell.length_b   124.950
_cell.length_c   107.210
_cell.angle_alpha   90.00
_cell.angle_beta   90.00
_cell.angle_gamma   120.00
#
_symmetry.space_group_name_H-M   'P 63 2 2'
#
loop_
_entity.id
_entity.type
_entity.pdbx_description
1 polymer 'Pyoverdine biosynthesis protein PvcB'
2 non-polymer GLYCEROL
3 water water
#
_entity_poly.entity_id   1
_entity_poly.type   'polypeptide(L)'
_entity_poly.pdbx_seq_one_letter_code
;GHMNAYLSDQPVRLSPLRDEQGNQPRFGLLLEPGRPGMHVGELPAQWLKGLARSHHLLLLRGFAAFADAESLTRYCHDFG
EVMLWPFGAVLELVEQEGAEDHIFANNYVPLHWDGMYLETVPEFQVFHCVDAPGDSDGGRTTFSSTPAALQLADSSELEL
WRRASGRYQRSAAHYSSRSAAPIVERHPRREFPILRFCEPPVEGDASFINPSEFHYDGIAPEQRGELLASLRRCLYHPQA
HYAHRWRSDDLVIADNLTLLHGREAFAHRAPRHLRRVHIHAEPALRNPHLQRD
;
_entity_poly.pdbx_strand_id   X
#
loop_
_chem_comp.id
_chem_comp.type
_chem_comp.name
_chem_comp.formula
GOL non-polymer GLYCEROL 'C3 H8 O3'
#
# COMPACT_ATOMS: atom_id res chain seq x y z
N GLY A 1 -8.93 -22.03 8.10
CA GLY A 1 -9.01 -21.71 9.50
C GLY A 1 -7.76 -21.06 10.04
N HIS A 2 -7.90 -20.31 11.14
CA HIS A 2 -6.78 -19.59 11.72
C HIS A 2 -7.18 -19.18 13.13
N MET A 3 -6.23 -18.64 13.88
CA MET A 3 -6.46 -18.21 15.26
C MET A 3 -6.47 -16.68 15.35
N ASN A 4 -7.20 -16.12 16.32
N ASN A 4 -7.29 -16.15 16.25
CA ASN A 4 -7.22 -14.67 16.48
CA ASN A 4 -7.23 -14.73 16.55
C ASN A 4 -6.67 -14.18 17.83
C ASN A 4 -6.26 -14.58 17.70
N ALA A 5 -5.56 -13.46 17.77
CA ALA A 5 -4.76 -13.16 18.94
C ALA A 5 -4.93 -11.75 19.50
N TYR A 6 -5.80 -10.96 18.89
CA TYR A 6 -5.89 -9.56 19.27
C TYR A 6 -7.10 -9.29 20.13
N LEU A 7 -6.86 -8.65 21.28
CA LEU A 7 -7.92 -8.06 22.08
C LEU A 7 -7.54 -6.60 22.41
N SER A 8 -8.42 -5.70 22.00
CA SER A 8 -8.15 -4.27 22.03
C SER A 8 -8.79 -3.66 23.26
N ASP A 9 -8.31 -2.49 23.65
CA ASP A 9 -9.03 -1.69 24.64
CA ASP A 9 -9.02 -1.67 24.63
C ASP A 9 -9.96 -0.71 23.93
N GLN A 10 -9.94 -0.73 22.60
CA GLN A 10 -10.82 0.12 21.79
C GLN A 10 -12.11 -0.65 21.46
N PRO A 11 -13.21 0.08 21.19
CA PRO A 11 -14.49 -0.62 20.88
C PRO A 11 -14.54 -1.14 19.44
N VAL A 12 -13.72 -2.16 19.18
CA VAL A 12 -13.60 -2.73 17.85
C VAL A 12 -13.29 -4.22 17.95
N ARG A 13 -13.48 -4.97 16.87
CA ARG A 13 -13.05 -6.36 16.85
C ARG A 13 -11.86 -6.41 15.92
N LEU A 14 -10.74 -6.95 16.40
CA LEU A 14 -9.54 -7.04 15.60
C LEU A 14 -9.26 -8.47 15.19
N SER A 15 -8.72 -8.65 13.99
CA SER A 15 -8.21 -9.96 13.64
C SER A 15 -7.18 -9.89 12.53
N PRO A 16 -6.39 -10.96 12.36
CA PRO A 16 -5.38 -10.99 11.30
C PRO A 16 -6.02 -10.74 9.94
N LEU A 17 -5.34 -10.00 9.07
CA LEU A 17 -5.79 -9.80 7.71
C LEU A 17 -5.56 -11.08 6.90
N ARG A 18 -6.57 -11.48 6.14
CA ARG A 18 -6.51 -12.66 5.28
C ARG A 18 -7.15 -12.29 3.97
N ASP A 19 -6.61 -12.78 2.85
CA ASP A 19 -7.26 -12.50 1.58
C ASP A 19 -8.47 -13.42 1.37
N GLU A 20 -9.17 -13.25 0.25
CA GLU A 20 -10.45 -13.93 0.07
C GLU A 20 -10.32 -15.44 -0.06
N GLN A 21 -9.10 -15.92 -0.30
CA GLN A 21 -8.85 -17.35 -0.38
C GLN A 21 -8.33 -17.89 0.95
N GLY A 22 -8.23 -17.01 1.95
CA GLY A 22 -7.81 -17.42 3.28
C GLY A 22 -6.31 -17.39 3.53
N ASN A 23 -5.52 -16.88 2.59
CA ASN A 23 -4.10 -16.75 2.85
C ASN A 23 -3.83 -15.61 3.82
N GLN A 24 -2.96 -15.86 4.78
CA GLN A 24 -2.64 -14.87 5.81
C GLN A 24 -1.17 -14.46 5.71
N PRO A 25 -0.91 -13.29 5.12
CA PRO A 25 0.49 -12.87 5.02
C PRO A 25 1.02 -12.36 6.36
N ARG A 26 2.28 -11.98 6.38
CA ARG A 26 2.95 -11.57 7.61
C ARG A 26 2.82 -10.07 7.89
N PHE A 27 1.62 -9.55 7.71
CA PHE A 27 1.31 -8.15 7.99
C PHE A 27 -0.17 -7.94 7.83
N GLY A 28 -0.65 -6.74 8.14
CA GLY A 28 -2.03 -6.41 7.88
C GLY A 28 -2.92 -6.70 9.08
N LEU A 29 -3.97 -5.91 9.24
CA LEU A 29 -4.90 -6.08 10.36
C LEU A 29 -6.30 -5.73 9.89
N LEU A 30 -7.28 -6.54 10.29
CA LEU A 30 -8.67 -6.27 9.98
C LEU A 30 -9.31 -5.67 11.22
N LEU A 31 -10.01 -4.54 11.05
CA LEU A 31 -10.76 -3.93 12.15
C LEU A 31 -12.23 -3.91 11.79
N GLU A 32 -13.08 -4.26 12.74
CA GLU A 32 -14.51 -4.23 12.49
C GLU A 32 -15.21 -3.56 13.67
N PRO A 33 -16.37 -2.96 13.41
CA PRO A 33 -17.05 -2.12 14.40
C PRO A 33 -17.44 -2.87 15.67
N GLY A 34 -17.30 -2.20 16.82
CA GLY A 34 -17.66 -2.80 18.09
C GLY A 34 -19.06 -2.43 18.56
N ARG A 35 -19.71 -1.54 17.80
CA ARG A 35 -21.07 -1.10 18.12
C ARG A 35 -21.89 -0.97 16.85
N PRO A 36 -23.20 -1.23 16.94
CA PRO A 36 -24.07 -1.03 15.78
C PRO A 36 -23.95 0.40 15.25
N GLY A 37 -23.76 0.55 13.94
CA GLY A 37 -23.75 1.86 13.32
C GLY A 37 -22.46 2.67 13.47
N MET A 38 -21.44 2.06 14.08
CA MET A 38 -20.21 2.80 14.34
C MET A 38 -19.57 3.37 13.08
N HIS A 39 -19.05 4.60 13.18
CA HIS A 39 -18.47 5.32 12.05
C HIS A 39 -16.95 5.29 12.24
N VAL A 40 -16.17 5.33 11.17
CA VAL A 40 -14.73 5.22 11.32
C VAL A 40 -14.15 6.32 12.22
N GLY A 41 -14.80 7.48 12.24
CA GLY A 41 -14.29 8.64 12.97
C GLY A 41 -14.35 8.49 14.48
N GLU A 42 -15.16 7.55 14.95
CA GLU A 42 -15.26 7.28 16.37
C GLU A 42 -13.96 6.71 16.97
N LEU A 43 -13.11 6.10 16.14
CA LEU A 43 -11.82 5.59 16.62
C LEU A 43 -10.79 6.72 16.62
N PRO A 44 -9.84 6.69 17.56
CA PRO A 44 -8.85 7.77 17.59
C PRO A 44 -7.79 7.61 16.50
N ALA A 45 -7.61 8.65 15.68
CA ALA A 45 -6.63 8.62 14.60
C ALA A 45 -5.21 8.33 15.07
N GLN A 46 -4.85 8.80 16.26
CA GLN A 46 -3.49 8.57 16.78
C GLN A 46 -3.26 7.06 16.99
N TRP A 47 -4.28 6.38 17.49
CA TRP A 47 -4.21 4.94 17.69
C TRP A 47 -4.11 4.20 16.34
N LEU A 48 -4.94 4.60 15.38
CA LEU A 48 -4.90 3.99 14.05
C LEU A 48 -3.53 4.15 13.42
N LYS A 49 -2.93 5.33 13.59
CA LYS A 49 -1.62 5.61 13.02
C LYS A 49 -0.54 4.68 13.61
N GLY A 50 -0.61 4.44 14.92
CA GLY A 50 0.25 3.47 15.58
C GLY A 50 0.11 2.07 14.97
N LEU A 51 -1.12 1.61 14.82
CA LEU A 51 -1.38 0.30 14.22
C LEU A 51 -0.89 0.22 12.77
N ALA A 52 -1.11 1.29 12.00
CA ALA A 52 -0.66 1.32 10.62
C ALA A 52 0.85 1.20 10.54
N ARG A 53 1.55 1.80 11.50
CA ARG A 53 3.00 1.75 11.47
C ARG A 53 3.57 0.36 11.79
N SER A 54 2.86 -0.44 12.59
CA SER A 54 3.40 -1.75 13.00
C SER A 54 2.80 -2.91 12.18
N HIS A 55 1.55 -2.76 11.77
CA HIS A 55 0.89 -3.78 10.96
C HIS A 55 0.97 -3.44 9.47
N HIS A 56 1.31 -2.18 9.15
CA HIS A 56 1.55 -1.71 7.77
C HIS A 56 0.32 -1.54 6.86
N LEU A 57 -0.71 -2.32 7.09
CA LEU A 57 -1.92 -2.22 6.29
C LEU A 57 -3.15 -2.46 7.16
N LEU A 58 -4.01 -1.46 7.29
CA LEU A 58 -5.23 -1.64 8.06
C LEU A 58 -6.44 -1.69 7.13
N LEU A 59 -7.34 -2.62 7.39
CA LEU A 59 -8.60 -2.67 6.68
C LEU A 59 -9.70 -2.44 7.70
N LEU A 60 -10.36 -1.29 7.63
CA LEU A 60 -11.54 -1.06 8.45
C LEU A 60 -12.76 -1.39 7.60
N ARG A 61 -13.49 -2.41 8.02
CA ARG A 61 -14.57 -2.95 7.20
C ARG A 61 -15.87 -3.05 7.96
N GLY A 62 -16.94 -2.55 7.37
CA GLY A 62 -18.25 -2.64 7.97
C GLY A 62 -18.60 -1.41 8.80
N PHE A 63 -17.76 -0.38 8.73
CA PHE A 63 -18.06 0.87 9.45
C PHE A 63 -18.92 1.76 8.56
N ALA A 64 -19.72 2.63 9.15
CA ALA A 64 -20.33 3.70 8.37
C ALA A 64 -19.16 4.59 8.04
N ALA A 65 -19.13 5.14 6.83
CA ALA A 65 -18.02 6.00 6.45
C ALA A 65 -18.51 7.34 5.87
N PHE A 66 -17.71 7.93 5.00
CA PHE A 66 -17.88 9.34 4.66
C PHE A 66 -18.92 9.59 3.56
N ALA A 67 -19.79 10.55 3.80
CA ALA A 67 -20.89 10.84 2.88
C ALA A 67 -20.40 11.42 1.57
N ASP A 68 -19.25 12.09 1.59
CA ASP A 68 -18.72 12.72 0.39
C ASP A 68 -17.24 13.03 0.52
N ALA A 69 -16.62 13.55 -0.54
CA ALA A 69 -15.17 13.79 -0.55
C ALA A 69 -14.76 14.87 0.44
N GLU A 70 -15.68 15.81 0.69
CA GLU A 70 -15.45 16.90 1.61
C GLU A 70 -15.35 16.36 3.05
N SER A 71 -16.24 15.45 3.41
CA SER A 71 -16.22 14.84 4.74
C SER A 71 -14.93 14.05 4.93
N LEU A 72 -14.56 13.24 3.94
CA LEU A 72 -13.30 12.51 4.00
C LEU A 72 -12.14 13.47 4.20
N THR A 73 -12.14 14.58 3.47
CA THR A 73 -11.06 15.54 3.57
C THR A 73 -10.92 16.13 4.97
N ARG A 74 -12.03 16.57 5.55
CA ARG A 74 -11.99 17.12 6.90
C ARG A 74 -11.47 16.08 7.90
N TYR A 75 -11.94 14.84 7.75
CA TYR A 75 -11.45 13.76 8.61
C TYR A 75 -9.94 13.62 8.48
N CYS A 76 -9.43 13.65 7.25
CA CYS A 76 -8.00 13.45 7.04
C CYS A 76 -7.16 14.59 7.58
N HIS A 77 -7.71 15.82 7.56
CA HIS A 77 -7.02 16.96 8.15
C HIS A 77 -6.89 16.79 9.67
N ASP A 78 -7.86 16.12 10.30
CA ASP A 78 -7.75 15.82 11.72
C ASP A 78 -6.78 14.66 11.94
N PHE A 79 -6.81 13.70 11.03
CA PHE A 79 -5.97 12.50 11.12
C PHE A 79 -4.46 12.82 11.15
N GLY A 80 -4.03 13.73 10.28
CA GLY A 80 -2.62 14.11 10.23
C GLY A 80 -2.43 15.30 9.30
N GLU A 81 -1.21 15.54 8.85
CA GLU A 81 -0.97 16.61 7.88
C GLU A 81 -1.20 16.11 6.45
N VAL A 82 -2.29 16.55 5.84
CA VAL A 82 -2.61 16.06 4.49
C VAL A 82 -1.56 16.56 3.50
N MET A 83 -1.09 15.68 2.62
CA MET A 83 -0.25 16.11 1.54
C MET A 83 -1.15 16.55 0.37
N LEU A 84 -1.20 17.85 0.13
CA LEU A 84 -2.12 18.42 -0.84
C LEU A 84 -1.57 18.39 -2.26
N TRP A 85 -2.43 18.06 -3.21
CA TRP A 85 -2.07 18.10 -4.62
C TRP A 85 -2.75 19.32 -5.24
N PRO A 86 -2.43 19.63 -6.50
CA PRO A 86 -3.14 20.74 -7.13
C PRO A 86 -4.65 20.54 -7.12
N PHE A 87 -5.10 19.28 -7.15
CA PHE A 87 -6.53 19.00 -7.09
C PHE A 87 -7.11 19.04 -5.67
N GLY A 88 -6.28 19.30 -4.68
CA GLY A 88 -6.75 19.28 -3.30
C GLY A 88 -6.30 18.03 -2.55
N ALA A 89 -7.15 17.53 -1.66
CA ALA A 89 -6.79 16.40 -0.80
C ALA A 89 -7.10 15.04 -1.44
N VAL A 90 -8.21 14.94 -2.15
CA VAL A 90 -8.74 13.65 -2.59
C VAL A 90 -8.55 13.35 -4.09
N LEU A 91 -7.84 12.27 -4.38
CA LEU A 91 -7.78 11.76 -5.75
C LEU A 91 -8.97 10.84 -6.00
N GLU A 92 -9.77 11.14 -7.01
CA GLU A 92 -10.92 10.29 -7.37
C GLU A 92 -10.48 9.17 -8.27
N LEU A 93 -10.85 7.93 -7.94
CA LEU A 93 -10.44 6.78 -8.76
C LEU A 93 -11.68 6.00 -9.12
N VAL A 94 -12.24 6.32 -10.28
CA VAL A 94 -13.53 5.78 -10.67
C VAL A 94 -13.37 4.91 -11.91
N GLU A 95 -13.92 3.70 -11.84
CA GLU A 95 -13.86 2.79 -12.98
C GLU A 95 -15.25 2.29 -13.32
N GLN A 96 -15.49 2.09 -14.62
CA GLN A 96 -16.80 1.68 -15.09
C GLN A 96 -16.76 0.26 -15.58
N GLU A 97 -17.90 -0.42 -15.49
CA GLU A 97 -17.95 -1.82 -15.86
C GLU A 97 -17.50 -2.04 -17.29
N GLY A 98 -16.52 -2.91 -17.48
CA GLY A 98 -16.09 -3.32 -18.80
C GLY A 98 -15.48 -2.22 -19.66
N ALA A 99 -15.02 -1.15 -19.03
CA ALA A 99 -14.38 -0.07 -19.75
C ALA A 99 -12.95 -0.46 -20.09
N GLU A 100 -12.30 0.35 -20.92
CA GLU A 100 -10.89 0.09 -21.31
C GLU A 100 -10.43 1.06 -22.37
N HIS A 102 -9.13 3.87 -25.90
CA HIS A 102 -7.77 4.02 -25.40
C HIS A 102 -7.13 2.65 -25.11
N ILE A 103 -6.23 2.26 -26.00
CA ILE A 103 -5.71 0.90 -26.06
C ILE A 103 -4.22 0.82 -25.73
N PHE A 104 -3.67 1.90 -25.19
CA PHE A 104 -2.22 2.00 -25.02
C PHE A 104 -1.71 1.73 -23.60
N ALA A 105 -2.62 1.40 -22.68
CA ALA A 105 -2.22 1.16 -21.29
C ALA A 105 -1.54 -0.19 -21.07
N ASN A 106 -1.17 -0.46 -19.82
CA ASN A 106 -0.74 -1.80 -19.41
C ASN A 106 -1.94 -2.50 -18.76
N ASN A 107 -1.94 -3.82 -18.77
CA ASN A 107 -3.05 -4.58 -18.17
C ASN A 107 -3.00 -4.63 -16.64
N TYR A 108 -1.98 -4.04 -16.05
CA TYR A 108 -1.79 -4.12 -14.61
C TYR A 108 -0.79 -3.09 -14.10
N VAL A 109 -0.58 -3.03 -12.78
CA VAL A 109 0.35 -2.06 -12.24
C VAL A 109 1.39 -2.79 -11.41
N PRO A 110 2.65 -2.73 -11.84
CA PRO A 110 3.74 -3.37 -11.09
C PRO A 110 3.95 -2.70 -9.73
N LEU A 111 4.68 -3.38 -8.84
CA LEU A 111 4.93 -2.87 -7.50
C LEU A 111 5.77 -1.59 -7.53
N HIS A 112 5.38 -0.61 -6.72
CA HIS A 112 6.14 0.63 -6.60
C HIS A 112 5.74 1.34 -5.31
N TRP A 113 6.26 2.54 -5.08
CA TRP A 113 5.81 3.35 -3.95
C TRP A 113 5.37 4.72 -4.39
N ASP A 114 4.52 5.37 -3.60
CA ASP A 114 4.03 6.71 -3.92
C ASP A 114 5.07 7.75 -3.54
N GLY A 115 5.18 8.78 -4.38
CA GLY A 115 6.07 9.89 -4.10
C GLY A 115 7.47 9.75 -4.66
N MET A 116 7.71 8.70 -5.43
CA MET A 116 9.04 8.44 -6.00
C MET A 116 9.65 9.66 -6.68
N TYR A 117 8.81 10.41 -7.40
CA TYR A 117 9.27 11.53 -8.22
C TYR A 117 8.86 12.85 -7.63
N LEU A 118 8.47 12.85 -6.36
CA LEU A 118 7.97 14.06 -5.72
C LEU A 118 9.02 14.67 -4.81
N GLU A 119 8.82 15.92 -4.42
CA GLU A 119 9.76 16.58 -3.53
C GLU A 119 9.63 16.03 -2.10
N THR A 120 8.42 15.59 -1.75
CA THR A 120 8.17 14.99 -0.44
C THR A 120 7.38 13.69 -0.59
N VAL A 121 7.65 12.74 0.30
CA VAL A 121 7.09 11.40 0.22
C VAL A 121 6.05 11.21 1.33
N PRO A 122 4.81 10.82 0.97
CA PRO A 122 3.79 10.66 2.00
C PRO A 122 4.05 9.41 2.84
N GLU A 123 3.74 9.44 4.13
CA GLU A 123 3.86 8.23 4.94
C GLU A 123 2.72 7.26 4.70
N PHE A 124 1.50 7.79 4.59
CA PHE A 124 0.32 6.93 4.46
C PHE A 124 -0.50 7.24 3.21
N GLN A 125 -1.11 6.19 2.65
CA GLN A 125 -2.24 6.33 1.75
C GLN A 125 -3.50 5.99 2.57
N VAL A 126 -4.52 6.84 2.47
CA VAL A 126 -5.82 6.53 3.04
C VAL A 126 -6.79 6.36 1.86
N PHE A 127 -7.37 5.17 1.73
CA PHE A 127 -8.31 4.89 0.65
C PHE A 127 -9.69 4.69 1.23
N HIS A 128 -10.68 5.42 0.72
CA HIS A 128 -12.06 5.15 1.06
C HIS A 128 -12.74 4.53 -0.18
N CYS A 129 -13.34 3.35 -0.03
CA CYS A 129 -14.13 2.79 -1.11
C CYS A 129 -15.53 3.36 -1.08
N VAL A 130 -15.82 4.28 -2.00
CA VAL A 130 -17.14 4.90 -2.02
C VAL A 130 -18.19 3.87 -2.43
N ASP A 131 -17.85 3.03 -3.40
CA ASP A 131 -18.79 2.05 -3.93
C ASP A 131 -18.03 0.93 -4.63
N ALA A 132 -18.45 -0.30 -4.39
CA ALA A 132 -17.90 -1.44 -5.11
C ALA A 132 -19.00 -2.48 -5.31
N PRO A 133 -19.94 -2.20 -6.22
CA PRO A 133 -21.09 -3.08 -6.45
C PRO A 133 -20.69 -4.31 -7.27
N GLY A 134 -21.31 -5.44 -6.99
CA GLY A 134 -21.00 -6.68 -7.69
C GLY A 134 -19.54 -7.06 -7.54
N ASP A 135 -19.18 -8.25 -8.00
CA ASP A 135 -17.80 -8.70 -7.88
C ASP A 135 -17.04 -8.67 -9.20
N SER A 136 -15.74 -8.43 -9.10
CA SER A 136 -14.88 -8.30 -10.25
C SER A 136 -14.07 -9.58 -10.47
N ASP A 137 -13.39 -9.64 -11.60
CA ASP A 137 -12.44 -10.71 -11.85
C ASP A 137 -11.06 -10.09 -12.00
N GLY A 138 -10.16 -10.43 -11.09
CA GLY A 138 -8.85 -9.80 -11.04
C GLY A 138 -9.04 -8.33 -10.70
N GLY A 139 -8.02 -7.52 -10.99
CA GLY A 139 -8.10 -6.10 -10.77
C GLY A 139 -7.98 -5.66 -9.30
N ARG A 140 -7.63 -6.59 -8.42
CA ARG A 140 -7.47 -6.25 -7.00
C ARG A 140 -6.26 -5.33 -6.76
N THR A 141 -6.39 -4.40 -5.82
CA THR A 141 -5.25 -3.58 -5.40
C THR A 141 -4.30 -4.45 -4.59
N THR A 142 -3.02 -4.40 -4.91
CA THR A 142 -2.08 -5.28 -4.22
C THR A 142 -1.07 -4.54 -3.36
N PHE A 143 -0.64 -5.21 -2.29
CA PHE A 143 0.31 -4.67 -1.33
C PHE A 143 1.32 -5.74 -0.96
N SER A 144 2.59 -5.36 -0.89
CA SER A 144 3.64 -6.28 -0.45
C SER A 144 4.42 -5.68 0.71
N SER A 145 4.62 -6.47 1.75
CA SER A 145 5.45 -6.03 2.89
C SER A 145 6.91 -6.28 2.57
N THR A 146 7.70 -5.21 2.49
CA THR A 146 9.09 -5.41 2.10
C THR A 146 9.91 -6.10 3.19
N PRO A 147 9.59 -5.87 4.48
CA PRO A 147 10.30 -6.66 5.50
C PRO A 147 10.00 -8.16 5.40
N ALA A 148 8.77 -8.53 5.07
CA ALA A 148 8.46 -9.95 4.87
C ALA A 148 9.29 -10.52 3.72
N ALA A 149 9.34 -9.80 2.60
CA ALA A 149 10.14 -10.23 1.45
C ALA A 149 11.61 -10.43 1.86
N LEU A 150 12.13 -9.53 2.69
CA LEU A 150 13.50 -9.64 3.17
C LEU A 150 13.74 -10.91 3.99
N GLN A 151 12.71 -11.40 4.68
CA GLN A 151 12.84 -12.61 5.48
C GLN A 151 12.79 -13.87 4.61
N LEU A 152 12.30 -13.73 3.39
CA LEU A 152 12.18 -14.87 2.48
C LEU A 152 13.45 -15.11 1.66
N ALA A 153 14.24 -14.06 1.50
CA ALA A 153 15.43 -14.12 0.64
C ALA A 153 16.45 -15.11 1.20
N ASP A 154 17.09 -15.88 0.32
CA ASP A 154 18.20 -16.72 0.75
C ASP A 154 19.49 -15.93 0.72
N SER A 155 20.56 -16.52 1.26
CA SER A 155 21.85 -15.86 1.38
C SER A 155 22.32 -15.18 0.10
N SER A 156 22.17 -15.87 -1.03
CA SER A 156 22.69 -15.33 -2.29
C SER A 156 21.77 -14.28 -2.89
N GLU A 157 20.46 -14.51 -2.80
CA GLU A 157 19.50 -13.48 -3.21
C GLU A 157 19.79 -12.17 -2.45
N LEU A 158 19.92 -12.29 -1.14
CA LEU A 158 20.13 -11.14 -0.27
C LEU A 158 21.41 -10.38 -0.60
N GLU A 159 22.51 -11.12 -0.80
CA GLU A 159 23.79 -10.52 -1.21
C GLU A 159 23.65 -9.72 -2.50
N LEU A 160 22.94 -10.26 -3.47
CA LEU A 160 22.67 -9.54 -4.71
C LEU A 160 21.86 -8.25 -4.45
N TRP A 161 20.77 -8.36 -3.71
CA TRP A 161 19.92 -7.19 -3.43
C TRP A 161 20.72 -6.07 -2.81
N ARG A 162 21.61 -6.42 -1.89
CA ARG A 162 22.38 -5.43 -1.13
C ARG A 162 23.35 -4.61 -1.95
N ARG A 163 23.75 -5.11 -3.12
CA ARG A 163 24.64 -4.29 -3.94
C ARG A 163 23.92 -3.55 -5.07
N ALA A 164 22.64 -3.86 -5.24
CA ALA A 164 21.84 -3.29 -6.33
C ALA A 164 21.20 -1.93 -6.01
N SER A 165 21.13 -1.08 -7.03
CA SER A 165 20.46 0.22 -6.97
C SER A 165 19.56 0.34 -8.18
N GLY A 166 18.42 1.01 -8.01
CA GLY A 166 17.49 1.25 -9.09
C GLY A 166 17.56 2.68 -9.57
N ARG A 167 17.54 2.87 -10.89
CA ARG A 167 17.46 4.19 -11.50
C ARG A 167 16.19 4.28 -12.33
N TYR A 168 15.36 5.27 -12.01
CA TYR A 168 14.05 5.36 -12.63
C TYR A 168 13.87 6.73 -13.27
N GLN A 169 13.18 6.75 -14.41
CA GLN A 169 12.91 8.00 -15.12
C GLN A 169 11.51 7.99 -15.68
N ARG A 170 10.92 9.17 -15.81
CA ARG A 170 9.62 9.30 -16.44
C ARG A 170 9.55 10.59 -17.25
N SER A 176 12.25 15.81 -17.58
CA SER A 176 11.55 14.68 -16.98
C SER A 176 12.14 14.30 -15.63
N SER A 177 11.29 13.82 -14.73
CA SER A 177 11.70 13.46 -13.37
C SER A 177 12.55 12.20 -13.33
N ARG A 178 13.56 12.19 -12.47
CA ARG A 178 14.40 11.00 -12.28
C ARG A 178 14.54 10.68 -10.80
N SER A 179 14.68 9.41 -10.47
CA SER A 179 14.76 8.99 -9.09
C SER A 179 15.64 7.75 -8.95
N ALA A 180 16.46 7.71 -7.92
CA ALA A 180 17.35 6.57 -7.69
C ALA A 180 17.38 6.16 -6.22
N ALA A 181 17.27 4.86 -5.97
CA ALA A 181 17.26 4.32 -4.62
C ALA A 181 17.95 2.96 -4.54
N PRO A 182 18.72 2.74 -3.48
CA PRO A 182 19.21 1.37 -3.27
C PRO A 182 18.01 0.45 -3.17
N ILE A 183 18.15 -0.79 -3.63
CA ILE A 183 17.10 -1.78 -3.49
C ILE A 183 16.84 -2.06 -1.99
N VAL A 184 17.90 -2.23 -1.22
CA VAL A 184 17.76 -2.43 0.22
C VAL A 184 17.96 -1.10 0.92
N GLU A 185 16.94 -0.63 1.63
CA GLU A 185 17.00 0.68 2.28
C GLU A 185 16.79 0.52 3.78
N ARG A 186 16.91 1.62 4.51
CA ARG A 186 16.46 1.68 5.88
C ARG A 186 15.18 2.51 5.92
N HIS A 187 14.25 2.15 6.79
CA HIS A 187 13.06 2.98 6.92
C HIS A 187 13.52 4.38 7.26
N PRO A 188 13.00 5.39 6.56
CA PRO A 188 13.54 6.76 6.66
C PRO A 188 13.24 7.46 7.99
N ARG A 189 12.40 6.89 8.84
CA ARG A 189 12.19 7.47 10.17
C ARG A 189 12.53 6.48 11.28
N ARG A 190 12.30 5.19 11.00
CA ARG A 190 12.31 4.20 12.07
C ARG A 190 13.39 3.15 11.91
N GLU A 191 14.24 3.32 10.90
CA GLU A 191 15.51 2.61 10.76
C GLU A 191 15.49 1.16 10.29
N PHE A 192 14.38 0.44 10.44
CA PHE A 192 14.40 -0.98 10.13
C PHE A 192 14.57 -1.24 8.63
N PRO A 193 15.13 -2.40 8.27
CA PRO A 193 15.35 -2.71 6.84
C PRO A 193 14.08 -2.82 6.03
N ILE A 194 14.07 -2.15 4.87
CA ILE A 194 12.96 -2.22 3.94
C ILE A 194 13.52 -2.39 2.53
N LEU A 195 12.65 -2.59 1.56
CA LEU A 195 13.04 -2.53 0.15
C LEU A 195 12.41 -1.30 -0.49
N ARG A 196 13.14 -0.65 -1.38
CA ARG A 196 12.56 0.34 -2.28
C ARG A 196 12.85 -0.15 -3.70
N PHE A 197 11.80 -0.53 -4.42
CA PHE A 197 11.94 -1.16 -5.72
C PHE A 197 10.77 -0.71 -6.56
N CYS A 198 11.04 -0.22 -7.76
CA CYS A 198 9.97 0.04 -8.72
C CYS A 198 10.09 -1.05 -9.79
N GLU A 199 9.07 -1.89 -9.88
CA GLU A 199 9.13 -3.08 -10.71
C GLU A 199 8.84 -2.75 -12.17
N PRO A 200 9.59 -3.36 -13.10
CA PRO A 200 9.28 -3.18 -14.53
C PRO A 200 8.05 -3.99 -14.96
N PRO A 201 7.26 -3.47 -15.90
CA PRO A 201 6.09 -4.16 -16.45
C PRO A 201 6.44 -5.34 -17.37
N PHE A 214 14.15 1.89 -16.55
CA PHE A 214 14.42 0.97 -15.45
C PHE A 214 15.81 0.34 -15.56
N HIS A 215 16.80 0.99 -14.94
CA HIS A 215 18.17 0.48 -14.94
C HIS A 215 18.55 0.04 -13.54
N TYR A 216 19.35 -1.02 -13.43
CA TYR A 216 19.75 -1.52 -12.11
C TYR A 216 21.27 -1.62 -11.97
N ASP A 217 21.83 -0.71 -11.17
CA ASP A 217 23.28 -0.57 -11.01
C ASP A 217 23.84 -1.40 -9.88
N GLY A 218 25.16 -1.46 -9.81
CA GLY A 218 25.86 -2.08 -8.70
C GLY A 218 26.03 -3.57 -8.88
N ILE A 219 25.35 -4.10 -9.88
CA ILE A 219 25.51 -5.51 -10.23
C ILE A 219 25.91 -5.62 -11.69
N ALA A 220 26.29 -6.82 -12.12
CA ALA A 220 26.65 -7.07 -13.51
C ALA A 220 25.39 -7.24 -14.36
N PRO A 221 25.40 -6.72 -15.60
CA PRO A 221 24.24 -6.76 -16.48
C PRO A 221 23.67 -8.17 -16.60
N GLU A 222 24.55 -9.17 -16.56
CA GLU A 222 24.11 -10.56 -16.61
C GLU A 222 23.29 -10.94 -15.39
N GLN A 223 23.35 -10.11 -14.35
CA GLN A 223 22.65 -10.40 -13.11
C GLN A 223 21.29 -9.70 -12.98
N ARG A 224 20.98 -8.82 -13.92
CA ARG A 224 19.69 -8.13 -13.93
C ARG A 224 18.54 -9.11 -13.85
N GLY A 225 18.58 -10.14 -14.70
CA GLY A 225 17.52 -11.12 -14.76
C GLY A 225 17.28 -11.80 -13.41
N GLU A 226 18.35 -12.05 -12.67
CA GLU A 226 18.23 -12.75 -11.40
C GLU A 226 17.77 -11.82 -10.27
N LEU A 227 18.15 -10.55 -10.35
CA LEU A 227 17.70 -9.57 -9.39
C LEU A 227 16.18 -9.52 -9.46
N LEU A 228 15.67 -9.31 -10.67
CA LEU A 228 14.23 -9.18 -10.87
C LEU A 228 13.45 -10.43 -10.47
N ALA A 229 13.98 -11.59 -10.82
CA ALA A 229 13.30 -12.84 -10.53
C ALA A 229 13.19 -13.08 -9.02
N SER A 230 14.26 -12.79 -8.31
CA SER A 230 14.35 -13.07 -6.88
C SER A 230 13.51 -12.05 -6.10
N LEU A 231 13.58 -10.78 -6.51
CA LEU A 231 12.74 -9.76 -5.90
C LEU A 231 11.26 -10.12 -6.08
N ARG A 232 10.90 -10.52 -7.30
CA ARG A 232 9.52 -10.90 -7.57
C ARG A 232 9.08 -12.13 -6.79
N ARG A 233 9.96 -13.12 -6.67
CA ARG A 233 9.62 -14.33 -5.94
C ARG A 233 9.26 -13.99 -4.48
N CYS A 234 10.00 -13.06 -3.90
CA CYS A 234 9.84 -12.76 -2.48
C CYS A 234 8.70 -11.76 -2.23
N LEU A 235 8.59 -10.75 -3.09
CA LEU A 235 7.55 -9.75 -2.95
C LEU A 235 6.16 -10.30 -3.26
N TYR A 236 6.08 -11.27 -4.18
CA TYR A 236 4.77 -11.84 -4.52
C TYR A 236 4.46 -13.13 -3.77
N HIS A 237 5.37 -13.53 -2.89
CA HIS A 237 5.16 -14.69 -2.04
C HIS A 237 3.97 -14.48 -1.10
N PRO A 238 3.20 -15.54 -0.85
CA PRO A 238 2.01 -15.46 0.02
C PRO A 238 2.30 -14.90 1.43
N GLN A 239 3.52 -15.07 1.93
CA GLN A 239 3.90 -14.51 3.23
C GLN A 239 4.05 -12.98 3.16
N ALA A 240 4.28 -12.44 1.96
CA ALA A 240 4.66 -11.04 1.81
C ALA A 240 3.65 -10.19 1.04
N HIS A 241 2.65 -10.83 0.47
CA HIS A 241 1.81 -10.19 -0.54
C HIS A 241 0.34 -10.36 -0.20
N TYR A 242 -0.43 -9.28 -0.39
CA TYR A 242 -1.87 -9.31 -0.15
C TYR A 242 -2.61 -8.59 -1.29
N ALA A 243 -3.64 -9.23 -1.83
CA ALA A 243 -4.45 -8.64 -2.87
C ALA A 243 -5.82 -8.30 -2.30
N HIS A 244 -6.19 -7.03 -2.35
CA HIS A 244 -7.43 -6.57 -1.73
C HIS A 244 -8.63 -6.50 -2.68
N ARG A 245 -9.70 -7.19 -2.30
CA ARG A 245 -10.98 -7.11 -2.99
C ARG A 245 -11.83 -6.05 -2.30
N TRP A 246 -12.03 -4.91 -2.95
CA TRP A 246 -12.75 -3.79 -2.33
C TRP A 246 -14.23 -4.07 -2.04
N ARG A 247 -14.70 -3.59 -0.89
CA ARG A 247 -16.13 -3.56 -0.60
C ARG A 247 -16.53 -2.14 -0.24
N SER A 248 -17.78 -1.80 -0.55
CA SER A 248 -18.31 -0.49 -0.26
C SER A 248 -18.06 -0.04 1.18
N ASP A 249 -17.46 1.14 1.31
CA ASP A 249 -17.18 1.77 2.61
C ASP A 249 -15.98 1.19 3.37
N ASP A 250 -15.22 0.31 2.72
CA ASP A 250 -13.91 -0.06 3.26
C ASP A 250 -13.13 1.22 3.47
N LEU A 251 -12.37 1.28 4.55
CA LEU A 251 -11.37 2.33 4.69
C LEU A 251 -10.05 1.62 4.88
N VAL A 252 -9.08 1.89 4.02
CA VAL A 252 -7.80 1.23 4.07
C VAL A 252 -6.74 2.27 4.32
N ILE A 253 -5.84 1.96 5.25
CA ILE A 253 -4.74 2.85 5.56
C ILE A 253 -3.47 2.05 5.36
N ALA A 254 -2.61 2.49 4.44
CA ALA A 254 -1.41 1.74 4.05
C ALA A 254 -0.16 2.53 4.42
N ASP A 255 0.84 1.83 4.94
CA ASP A 255 2.14 2.38 5.28
C ASP A 255 3.00 2.41 4.01
N ASN A 256 2.97 3.55 3.32
CA ASN A 256 3.71 3.74 2.06
C ASN A 256 5.23 3.69 2.23
N LEU A 257 5.73 3.83 3.46
CA LEU A 257 7.18 3.83 3.70
C LEU A 257 7.75 2.41 3.82
N THR A 258 6.87 1.44 4.03
CA THR A 258 7.26 0.06 4.26
C THR A 258 6.76 -0.87 3.15
N LEU A 259 5.55 -0.63 2.68
CA LEU A 259 4.97 -1.48 1.64
C LEU A 259 5.36 -0.98 0.25
N LEU A 260 5.17 -1.85 -0.73
CA LEU A 260 5.06 -1.44 -2.13
C LEU A 260 3.66 -1.84 -2.52
N HIS A 261 3.12 -1.22 -3.56
CA HIS A 261 1.76 -1.52 -3.94
C HIS A 261 1.62 -1.52 -5.45
N GLY A 262 0.55 -2.13 -5.93
CA GLY A 262 0.34 -2.18 -7.36
C GLY A 262 -1.06 -2.64 -7.62
N ARG A 263 -1.24 -3.35 -8.73
CA ARG A 263 -2.56 -3.80 -9.11
C ARG A 263 -2.55 -5.03 -10.02
N GLU A 264 -3.41 -5.97 -9.65
CA GLU A 264 -3.51 -7.26 -10.27
C GLU A 264 -4.15 -7.10 -11.65
N ALA A 265 -3.72 -7.91 -12.61
CA ALA A 265 -4.30 -7.87 -13.95
C ALA A 265 -5.79 -8.18 -13.91
N PHE A 266 -6.55 -7.59 -14.82
CA PHE A 266 -7.97 -7.86 -14.90
C PHE A 266 -8.42 -8.25 -16.31
N ALA A 267 -9.43 -9.11 -16.39
CA ALA A 267 -10.05 -9.42 -17.66
C ALA A 267 -11.26 -8.54 -17.81
N HIS A 268 -12.17 -8.61 -16.84
CA HIS A 268 -13.37 -7.79 -16.84
C HIS A 268 -13.36 -6.73 -15.75
N ARG A 269 -13.02 -5.50 -16.13
CA ARG A 269 -13.01 -4.37 -15.20
C ARG A 269 -14.39 -4.19 -14.59
N ALA A 270 -14.47 -4.20 -13.26
CA ALA A 270 -15.76 -4.04 -12.59
C ALA A 270 -15.98 -2.58 -12.21
N PRO A 271 -17.23 -2.20 -11.93
CA PRO A 271 -17.55 -0.83 -11.53
C PRO A 271 -17.06 -0.55 -10.11
N ARG A 272 -16.33 0.55 -9.92
CA ARG A 272 -15.68 0.78 -8.63
C ARG A 272 -15.35 2.23 -8.45
N HIS A 273 -15.54 2.73 -7.23
CA HIS A 273 -15.22 4.10 -6.91
C HIS A 273 -14.37 4.17 -5.63
N LEU A 274 -13.11 4.55 -5.77
CA LEU A 274 -12.21 4.76 -4.64
C LEU A 274 -11.80 6.21 -4.55
N ARG A 275 -11.45 6.64 -3.35
CA ARG A 275 -10.91 7.97 -3.10
C ARG A 275 -9.64 7.84 -2.28
N ARG A 276 -8.56 8.51 -2.71
CA ARG A 276 -7.29 8.40 -2.00
C ARG A 276 -6.78 9.75 -1.50
N VAL A 277 -6.31 9.75 -0.25
CA VAL A 277 -5.67 10.91 0.37
C VAL A 277 -4.29 10.49 0.88
N HIS A 278 -3.29 11.36 0.67
CA HIS A 278 -1.95 11.13 1.17
C HIS A 278 -1.75 11.87 2.50
N ILE A 279 -1.05 11.26 3.45
CA ILE A 279 -0.74 11.90 4.73
C ILE A 279 0.77 12.01 4.84
N HIS A 280 1.26 13.21 5.15
CA HIS A 280 2.68 13.43 5.30
C HIS A 280 3.24 12.63 6.48
N ALA A 281 4.51 12.30 6.41
CA ALA A 281 5.27 11.84 7.57
C ALA A 281 5.37 12.97 8.61
N GLU A 282 5.85 12.65 9.81
CA GLU A 282 5.89 13.60 10.92
C GLU A 282 7.34 13.78 11.37
N PRO A 283 8.00 14.84 10.91
CA PRO A 283 7.36 15.83 10.03
C PRO A 283 7.54 15.43 8.58
N ALA A 284 7.08 16.28 7.66
CA ALA A 284 7.08 15.92 6.24
C ALA A 284 8.42 15.35 5.79
N LEU A 285 8.40 14.33 4.94
CA LEU A 285 9.61 13.63 4.53
C LEU A 285 10.15 14.11 3.18
N ARG A 286 11.26 14.82 3.19
CA ARG A 286 11.93 15.19 1.96
C ARG A 286 12.36 13.91 1.22
N ASN A 287 12.03 13.82 -0.06
CA ASN A 287 12.36 12.65 -0.86
C ASN A 287 13.87 12.47 -0.95
N PRO A 288 14.40 11.38 -0.35
CA PRO A 288 15.84 11.13 -0.37
C PRO A 288 16.34 10.57 -1.69
N HIS A 289 15.43 10.22 -2.60
CA HIS A 289 15.83 9.53 -3.82
C HIS A 289 15.66 10.38 -5.08
N LEU A 290 15.02 11.53 -4.95
CA LEU A 290 14.79 12.40 -6.10
C LEU A 290 16.11 12.99 -6.61
N GLN A 291 16.32 12.93 -7.92
CA GLN A 291 17.49 13.57 -8.50
C GLN A 291 17.22 15.05 -8.74
N ARG A 292 17.93 15.88 -7.99
CA ARG A 292 17.79 17.33 -8.09
C ARG A 292 19.01 17.94 -8.77
C1 GOL B . -4.51 12.95 17.71
O1 GOL B . -4.14 13.41 19.00
C2 GOL B . -5.64 13.82 17.19
O2 GOL B . -5.34 15.18 17.46
C3 GOL B . -5.87 13.58 15.69
O3 GOL B . -4.66 13.15 15.05
C1 GOL C . -3.86 -13.58 -3.87
O1 GOL C . -3.28 -13.75 -5.15
C2 GOL C . -2.82 -13.04 -2.88
O2 GOL C . -3.47 -12.36 -1.81
C3 GOL C . -2.04 -14.25 -2.35
O3 GOL C . -0.80 -13.80 -1.83
C1 GOL D . 3.84 17.83 -4.39
O1 GOL D . 4.91 16.97 -4.67
C2 GOL D . 2.52 17.14 -4.66
O2 GOL D . 1.84 16.96 -3.43
C3 GOL D . 1.67 17.97 -5.61
O3 GOL D . 2.08 17.74 -6.95
#